data_5AJH
#
_entry.id   5AJH
#
_cell.length_a   35.906
_cell.length_b   60.141
_cell.length_c   241.965
_cell.angle_alpha   90.00
_cell.angle_beta   90.00
_cell.angle_gamma   90.00
#
_symmetry.space_group_name_H-M   'P 21 21 21'
#
loop_
_entity.id
_entity.type
_entity.pdbx_description
1 polymer CUTINASE
2 non-polymer (4S)-2-METHYL-2,4-PENTANEDIOL
3 water water
#
_entity_poly.entity_id   1
_entity_poly.type   'polypeptide(L)'
_entity_poly.pdbx_seq_one_letter_code
;MLPAGQDAAALEARQLGGSITRNDLANGNSGSCPGVIFIYARGSTESGNLGTLGPRVASKLEAKYGKNGVWIQGVGGAYR
ATLGDNALPRGTSSAAIREMLGHFSDANQKCPDAVLIAGGYSQGAALAAASVTDVDAGIREKIAGAVLFGYTKNLQNRGK
IPSYPEDRTKVFCNTGDLVCTGSLIVAAPHLAYQSAASGAAPEFLIQKADAAGAAAAALEHHHHHH
;
_entity_poly.pdbx_strand_id   A,B,C
#
loop_
_chem_comp.id
_chem_comp.type
_chem_comp.name
_chem_comp.formula
MPD non-polymer (4S)-2-METHYL-2,4-PENTANEDIOL 'C6 H14 O2'
#
# COMPACT_ATOMS: atom_id res chain seq x y z
N SER A 19 -9.87 24.93 5.45
CA SER A 19 -9.15 24.35 4.27
C SER A 19 -9.61 22.92 4.01
N ILE A 20 -9.41 21.97 4.94
CA ILE A 20 -9.84 20.56 4.70
C ILE A 20 -11.33 20.32 4.88
N THR A 21 -12.06 21.29 5.43
CA THR A 21 -13.52 21.22 5.51
C THR A 21 -14.14 22.46 4.91
N ARG A 22 -15.02 22.30 3.93
CA ARG A 22 -15.74 23.42 3.36
C ARG A 22 -17.21 23.07 3.28
N ASN A 23 -18.05 24.04 3.69
CA ASN A 23 -19.50 23.89 3.76
C ASN A 23 -20.17 25.13 3.18
N ASP A 24 -19.58 25.66 2.08
CA ASP A 24 -20.01 26.89 1.45
C ASP A 24 -21.46 26.82 0.97
N LEU A 25 -21.86 25.66 0.48
CA LEU A 25 -23.23 25.45 0.02
C LEU A 25 -24.21 25.23 1.20
N ALA A 26 -23.87 24.28 2.05
CA ALA A 26 -24.72 23.98 3.22
C ALA A 26 -25.05 25.24 4.05
N ASN A 27 -24.06 26.11 4.23
CA ASN A 27 -24.19 27.32 5.05
C ASN A 27 -24.47 28.57 4.23
N GLY A 28 -24.60 28.41 2.91
CA GLY A 28 -24.88 29.53 2.03
C GLY A 28 -26.39 29.77 1.88
N ASN A 29 -26.73 30.92 1.32
CA ASN A 29 -28.14 31.23 1.04
C ASN A 29 -28.35 31.79 -0.35
N SER A 30 -29.60 31.69 -0.81
CA SER A 30 -29.99 32.09 -2.14
C SER A 30 -29.73 33.56 -2.45
N GLY A 31 -29.56 34.41 -1.44
CA GLY A 31 -29.17 35.82 -1.66
C GLY A 31 -27.76 36.07 -2.20
N SER A 32 -26.88 35.08 -2.09
CA SER A 32 -25.48 35.24 -2.46
C SER A 32 -24.93 34.11 -3.33
N CYS A 33 -25.74 33.64 -4.28
CA CYS A 33 -25.37 32.51 -5.13
C CYS A 33 -24.13 32.85 -5.97
N PRO A 34 -23.14 31.94 -6.01
CA PRO A 34 -22.03 32.08 -6.93
C PRO A 34 -22.43 31.58 -8.34
N GLY A 35 -21.56 31.79 -9.33
CA GLY A 35 -21.79 31.22 -10.68
C GLY A 35 -21.54 29.71 -10.77
N VAL A 36 -20.71 29.19 -9.86
CA VAL A 36 -20.24 27.80 -9.92
C VAL A 36 -20.31 27.19 -8.50
N ILE A 37 -20.82 25.95 -8.40
CA ILE A 37 -20.80 25.17 -7.15
C ILE A 37 -20.08 23.83 -7.36
N PHE A 38 -19.05 23.57 -6.55
CA PHE A 38 -18.23 22.36 -6.62
C PHE A 38 -18.51 21.48 -5.40
N ILE A 39 -18.93 20.24 -5.67
CA ILE A 39 -19.24 19.22 -4.65
C ILE A 39 -18.27 18.03 -4.82
N TYR A 40 -17.56 17.71 -3.74
CA TYR A 40 -16.40 16.82 -3.78
C TYR A 40 -16.43 15.78 -2.65
N ALA A 41 -16.06 14.55 -2.96
CA ALA A 41 -16.02 13.45 -1.98
C ALA A 41 -14.62 12.92 -1.75
N ARG A 42 -14.19 12.88 -0.49
CA ARG A 42 -12.83 12.43 -0.14
C ARG A 42 -12.68 10.92 -0.17
N GLY A 43 -11.45 10.46 0.03
CA GLY A 43 -11.13 9.02 0.11
C GLY A 43 -11.25 8.45 1.50
N SER A 44 -11.27 7.12 1.60
CA SER A 44 -11.26 6.43 2.88
C SER A 44 -10.10 6.88 3.78
N THR A 45 -10.42 7.04 5.07
CA THR A 45 -9.50 7.49 6.13
C THR A 45 -9.17 8.98 6.11
N GLU A 46 -9.54 9.71 5.07
CA GLU A 46 -9.12 11.09 4.95
C GLU A 46 -9.88 12.01 5.92
N SER A 47 -9.23 13.11 6.31
CA SER A 47 -9.78 14.05 7.27
C SER A 47 -10.65 15.10 6.63
N GLY A 48 -11.46 15.75 7.48
CA GLY A 48 -12.39 16.80 7.07
C GLY A 48 -13.44 16.29 6.12
N ASN A 49 -13.94 17.16 5.24
CA ASN A 49 -14.80 16.70 4.14
C ASN A 49 -14.17 16.87 2.74
N LEU A 50 -12.92 17.33 2.69
CA LEU A 50 -12.20 17.44 1.42
C LEU A 50 -10.93 16.56 1.32
N GLY A 51 -10.43 16.07 2.46
CA GLY A 51 -9.19 15.28 2.44
C GLY A 51 -8.02 16.08 1.87
N THR A 52 -7.13 15.40 1.16
CA THR A 52 -5.88 15.98 0.67
C THR A 52 -6.02 16.57 -0.72
N LEU A 53 -6.88 16.00 -1.56
CA LEU A 53 -6.99 16.47 -2.95
C LEU A 53 -8.04 17.56 -3.16
N GLY A 54 -9.12 17.50 -2.37
CA GLY A 54 -10.19 18.49 -2.44
C GLY A 54 -9.73 19.94 -2.35
N PRO A 55 -8.90 20.28 -1.33
CA PRO A 55 -8.44 21.66 -1.19
C PRO A 55 -7.52 22.13 -2.32
N ARG A 56 -6.84 21.21 -2.98
CA ARG A 56 -6.01 21.55 -4.15
C ARG A 56 -6.88 21.97 -5.32
N VAL A 57 -7.92 21.19 -5.61
CA VAL A 57 -8.81 21.54 -6.71
C VAL A 57 -9.50 22.86 -6.36
N ALA A 58 -9.92 22.98 -5.09
CA ALA A 58 -10.64 24.18 -4.62
C ALA A 58 -9.82 25.45 -4.84
N SER A 59 -8.56 25.44 -4.45
CA SER A 59 -7.70 26.63 -4.59
C SER A 59 -7.60 27.13 -6.05
N LYS A 60 -7.52 26.20 -7.00
CA LYS A 60 -7.46 26.56 -8.42
C LYS A 60 -8.78 27.07 -8.96
N LEU A 61 -9.90 26.53 -8.49
CA LEU A 61 -11.21 27.06 -8.87
C LEU A 61 -11.35 28.49 -8.35
N GLU A 62 -10.98 28.69 -7.08
CA GLU A 62 -11.07 30.00 -6.45
C GLU A 62 -10.19 31.03 -7.15
N ALA A 63 -9.04 30.59 -7.61
CA ALA A 63 -8.12 31.47 -8.31
C ALA A 63 -8.76 31.96 -9.61
N LYS A 64 -9.54 31.10 -10.28
CA LYS A 64 -10.20 31.48 -11.54
C LYS A 64 -11.46 32.34 -11.35
N TYR A 65 -12.34 31.92 -10.43
CA TYR A 65 -13.69 32.50 -10.28
C TYR A 65 -13.76 33.57 -9.19
N GLY A 66 -12.72 33.65 -8.35
CA GLY A 66 -12.75 34.51 -7.17
C GLY A 66 -13.43 33.76 -6.04
N LYS A 67 -13.08 34.09 -4.80
CA LYS A 67 -13.73 33.45 -3.65
C LYS A 67 -15.25 33.58 -3.63
N ASN A 68 -15.80 34.66 -4.15
CA ASN A 68 -17.26 34.80 -4.23
C ASN A 68 -17.91 34.20 -5.47
N GLY A 69 -17.11 33.73 -6.41
CA GLY A 69 -17.66 33.19 -7.66
C GLY A 69 -17.81 31.68 -7.70
N VAL A 70 -17.38 30.99 -6.64
CA VAL A 70 -17.51 29.54 -6.54
C VAL A 70 -17.75 29.13 -5.09
N TRP A 71 -18.71 28.24 -4.86
CA TRP A 71 -18.88 27.59 -3.58
C TRP A 71 -18.22 26.22 -3.60
N ILE A 72 -17.48 25.91 -2.53
CA ILE A 72 -16.79 24.66 -2.35
C ILE A 72 -17.53 23.87 -1.26
N GLN A 73 -17.91 22.63 -1.56
CA GLN A 73 -18.71 21.82 -0.63
C GLN A 73 -18.23 20.39 -0.58
N GLY A 74 -17.75 19.96 0.59
CA GLY A 74 -17.31 18.57 0.75
C GLY A 74 -18.47 17.70 1.16
N VAL A 75 -18.38 16.41 0.92
CA VAL A 75 -19.44 15.47 1.32
C VAL A 75 -19.06 14.87 2.69
N GLY A 76 -19.69 15.39 3.73
CA GLY A 76 -19.43 14.99 5.10
C GLY A 76 -20.64 14.23 5.61
N GLY A 77 -21.11 14.59 6.79
CA GLY A 77 -22.35 13.99 7.31
C GLY A 77 -22.31 12.48 7.36
N ALA A 78 -23.26 11.82 6.68
CA ALA A 78 -23.34 10.36 6.67
C ALA A 78 -22.23 9.69 5.86
N TYR A 79 -21.52 10.44 5.00
CA TYR A 79 -20.37 9.86 4.34
C TYR A 79 -19.15 9.84 5.27
N ARG A 80 -18.93 8.70 5.92
CA ARG A 80 -17.82 8.51 6.86
C ARG A 80 -16.57 7.92 6.21
N ALA A 81 -16.66 7.58 4.93
CA ALA A 81 -15.54 7.06 4.17
C ALA A 81 -14.96 5.80 4.84
N THR A 82 -15.86 4.89 5.19
CA THR A 82 -15.53 3.65 5.87
C THR A 82 -14.75 2.71 4.94
N LEU A 83 -13.66 2.13 5.45
CA LEU A 83 -12.81 1.27 4.62
C LEU A 83 -13.53 0.04 4.08
N GLY A 84 -14.40 -0.57 4.88
CA GLY A 84 -15.13 -1.74 4.44
C GLY A 84 -16.16 -1.50 3.36
N ASP A 85 -16.68 -0.27 3.29
CA ASP A 85 -17.70 0.10 2.30
C ASP A 85 -17.17 0.07 0.87
N ASN A 86 -15.85 0.07 0.72
CA ASN A 86 -15.21 -0.09 -0.60
C ASN A 86 -15.55 -1.41 -1.25
N ALA A 87 -15.84 -2.42 -0.43
CA ALA A 87 -16.23 -3.76 -0.93
C ALA A 87 -17.71 -3.88 -1.34
N LEU A 88 -18.53 -2.86 -1.10
CA LEU A 88 -19.92 -2.91 -1.53
C LEU A 88 -19.97 -2.81 -3.07
N PRO A 89 -21.05 -3.32 -3.69
CA PRO A 89 -21.09 -3.43 -5.15
C PRO A 89 -20.79 -2.13 -5.89
N ARG A 90 -21.40 -1.03 -5.44
CA ARG A 90 -21.13 0.28 -6.02
C ARG A 90 -19.92 1.00 -5.43
N GLY A 91 -19.22 0.37 -4.47
CA GLY A 91 -17.98 0.91 -3.92
C GLY A 91 -18.17 1.95 -2.82
N THR A 92 -19.42 2.15 -2.40
CA THR A 92 -19.75 3.02 -1.28
C THR A 92 -21.15 2.71 -0.81
N SER A 93 -21.57 3.32 0.29
CA SER A 93 -22.88 3.04 0.86
C SER A 93 -23.98 3.94 0.29
N SER A 94 -25.20 3.47 0.46
CA SER A 94 -26.38 4.23 0.11
C SER A 94 -26.58 5.45 0.98
N ALA A 95 -26.15 5.42 2.24
CA ALA A 95 -26.23 6.59 3.08
C ALA A 95 -25.33 7.72 2.54
N ALA A 96 -24.15 7.35 2.07
CA ALA A 96 -23.19 8.31 1.57
C ALA A 96 -23.70 8.93 0.26
N ILE A 97 -24.25 8.11 -0.63
CA ILE A 97 -24.87 8.58 -1.86
C ILE A 97 -26.02 9.57 -1.56
N ARG A 98 -26.80 9.25 -0.54
CA ARG A 98 -27.87 10.15 -0.12
C ARG A 98 -27.34 11.50 0.33
N GLU A 99 -26.20 11.50 1.02
CA GLU A 99 -25.61 12.75 1.47
C GLU A 99 -25.17 13.61 0.27
N MET A 100 -24.47 13.01 -0.69
CA MET A 100 -24.08 13.77 -1.91
C MET A 100 -25.25 14.27 -2.75
N LEU A 101 -26.26 13.41 -2.94
CA LEU A 101 -27.51 13.78 -3.61
C LEU A 101 -28.18 14.96 -2.91
N GLY A 102 -28.13 14.98 -1.59
CA GLY A 102 -28.66 16.10 -0.80
C GLY A 102 -27.97 17.42 -1.16
N HIS A 103 -26.66 17.39 -1.38
CA HIS A 103 -25.96 18.62 -1.82
C HIS A 103 -26.38 19.02 -3.24
N PHE A 104 -26.49 18.05 -4.15
CA PHE A 104 -26.95 18.35 -5.51
C PHE A 104 -28.33 19.03 -5.45
N SER A 105 -29.25 18.47 -4.66
N SER A 105 -29.24 18.48 -4.65
CA SER A 105 -30.58 19.08 -4.47
CA SER A 105 -30.57 19.05 -4.48
C SER A 105 -30.54 20.48 -3.88
C SER A 105 -30.57 20.46 -3.85
N ASP A 106 -29.73 20.66 -2.84
CA ASP A 106 -29.66 21.94 -2.16
C ASP A 106 -29.12 23.03 -3.11
N ALA A 107 -28.10 22.67 -3.89
CA ALA A 107 -27.54 23.58 -4.92
C ALA A 107 -28.59 23.96 -5.96
N ASN A 108 -29.35 22.99 -6.46
CA ASN A 108 -30.37 23.23 -7.49
C ASN A 108 -31.50 24.13 -6.99
N GLN A 109 -31.89 23.93 -5.74
CA GLN A 109 -32.93 24.73 -5.08
C GLN A 109 -32.46 26.14 -4.70
N LYS A 110 -31.33 26.23 -4.00
CA LYS A 110 -30.82 27.53 -3.55
C LYS A 110 -30.40 28.40 -4.73
N CYS A 111 -29.67 27.81 -5.67
CA CYS A 111 -29.01 28.55 -6.75
C CYS A 111 -29.29 27.88 -8.09
N PRO A 112 -30.53 27.99 -8.59
CA PRO A 112 -30.92 27.24 -9.78
C PRO A 112 -30.20 27.64 -11.05
N ASP A 113 -29.60 28.84 -11.06
CA ASP A 113 -28.78 29.25 -12.20
C ASP A 113 -27.30 28.93 -12.08
N ALA A 114 -26.87 28.27 -11.00
CA ALA A 114 -25.45 27.97 -10.84
C ALA A 114 -25.03 26.77 -11.68
N VAL A 115 -23.81 26.80 -12.20
CA VAL A 115 -23.24 25.65 -12.88
C VAL A 115 -22.67 24.72 -11.81
N LEU A 116 -22.97 23.42 -11.90
CA LEU A 116 -22.43 22.46 -10.93
C LEU A 116 -21.27 21.71 -11.53
N ILE A 117 -20.27 21.45 -10.69
CA ILE A 117 -19.18 20.53 -11.00
C ILE A 117 -18.94 19.60 -9.80
N ALA A 118 -18.39 18.44 -10.06
CA ALA A 118 -18.23 17.42 -9.04
C ALA A 118 -16.88 16.74 -9.12
N GLY A 119 -16.47 16.10 -8.03
CA GLY A 119 -15.25 15.31 -8.01
C GLY A 119 -15.18 14.35 -6.85
N GLY A 120 -14.25 13.41 -6.95
CA GLY A 120 -13.99 12.51 -5.84
C GLY A 120 -12.71 11.70 -6.01
N TYR A 121 -12.20 11.20 -4.90
CA TYR A 121 -10.96 10.40 -4.84
C TYR A 121 -11.25 9.07 -4.15
N SER A 122 -10.88 7.97 -4.81
CA SER A 122 -10.85 6.63 -4.22
C SER A 122 -12.31 6.23 -3.95
N GLN A 123 -12.73 5.94 -2.71
CA GLN A 123 -14.15 5.71 -2.43
C GLN A 123 -15.01 6.94 -2.78
N GLY A 124 -14.43 8.13 -2.63
CA GLY A 124 -15.10 9.34 -3.04
C GLY A 124 -15.38 9.39 -4.53
N ALA A 125 -14.56 8.72 -5.34
CA ALA A 125 -14.74 8.69 -6.79
C ALA A 125 -15.87 7.75 -7.16
N ALA A 126 -15.95 6.61 -6.46
CA ALA A 126 -17.11 5.72 -6.55
C ALA A 126 -18.39 6.47 -6.13
N LEU A 127 -18.31 7.23 -5.04
CA LEU A 127 -19.44 8.02 -4.55
C LEU A 127 -19.90 9.07 -5.53
N ALA A 128 -18.95 9.84 -6.07
CA ALA A 128 -19.27 10.87 -7.04
C ALA A 128 -19.94 10.27 -8.26
N ALA A 129 -19.41 9.15 -8.75
CA ALA A 129 -19.99 8.48 -9.93
C ALA A 129 -21.40 7.97 -9.64
N ALA A 130 -21.60 7.27 -8.54
CA ALA A 130 -22.93 6.77 -8.19
C ALA A 130 -23.95 7.90 -7.96
N SER A 131 -23.51 8.99 -7.32
CA SER A 131 -24.37 10.15 -7.08
C SER A 131 -24.75 10.82 -8.39
N VAL A 132 -23.79 10.96 -9.29
CA VAL A 132 -24.09 11.55 -10.58
C VAL A 132 -25.05 10.69 -11.40
N THR A 133 -24.89 9.37 -11.35
CA THR A 133 -25.81 8.46 -11.99
C THR A 133 -27.22 8.62 -11.44
N ASP A 134 -27.34 8.66 -10.11
CA ASP A 134 -28.63 8.56 -9.45
C ASP A 134 -29.41 9.88 -9.40
N VAL A 135 -28.73 11.02 -9.55
CA VAL A 135 -29.38 12.30 -9.37
C VAL A 135 -30.44 12.55 -10.47
N ASP A 136 -31.46 13.32 -10.13
CA ASP A 136 -32.52 13.72 -11.06
C ASP A 136 -31.89 14.23 -12.35
N ALA A 137 -32.43 13.84 -13.50
CA ALA A 137 -31.83 14.17 -14.81
C ALA A 137 -31.73 15.70 -15.05
N GLY A 138 -32.66 16.47 -14.49
CA GLY A 138 -32.65 17.90 -14.59
C GLY A 138 -31.45 18.51 -13.90
N ILE A 139 -31.11 17.97 -12.73
CA ILE A 139 -29.90 18.36 -12.03
C ILE A 139 -28.64 17.86 -12.73
N ARG A 140 -28.66 16.64 -13.25
CA ARG A 140 -27.48 16.07 -13.90
C ARG A 140 -27.04 16.89 -15.11
N GLU A 141 -28.00 17.45 -15.84
CA GLU A 141 -27.70 18.33 -16.97
C GLU A 141 -26.87 19.54 -16.55
N LYS A 142 -27.11 20.03 -15.33
CA LYS A 142 -26.39 21.18 -14.77
C LYS A 142 -24.98 20.86 -14.27
N ILE A 143 -24.65 19.57 -14.19
CA ILE A 143 -23.31 19.15 -13.80
C ILE A 143 -22.48 19.15 -15.05
N ALA A 144 -21.69 20.22 -15.23
CA ALA A 144 -20.98 20.44 -16.47
C ALA A 144 -19.80 19.48 -16.62
N GLY A 145 -19.25 19.04 -15.50
CA GLY A 145 -18.14 18.10 -15.52
C GLY A 145 -17.86 17.44 -14.17
N ALA A 146 -17.16 16.32 -14.22
CA ALA A 146 -16.79 15.57 -13.03
C ALA A 146 -15.39 15.01 -13.19
N VAL A 147 -14.58 15.14 -12.13
CA VAL A 147 -13.24 14.53 -12.11
C VAL A 147 -13.18 13.41 -11.06
N LEU A 148 -12.52 12.31 -11.41
CA LEU A 148 -12.42 11.13 -10.54
C LEU A 148 -10.97 10.71 -10.40
N PHE A 149 -10.45 10.72 -9.16
CA PHE A 149 -9.07 10.35 -8.88
C PHE A 149 -9.05 8.97 -8.27
N GLY A 150 -8.20 8.10 -8.80
CA GLY A 150 -8.08 6.73 -8.27
C GLY A 150 -9.45 6.07 -8.25
N TYR A 151 -10.11 6.06 -9.40
CA TYR A 151 -11.50 5.59 -9.53
C TYR A 151 -11.57 4.07 -9.31
N THR A 152 -12.17 3.67 -8.20
CA THR A 152 -12.21 2.28 -7.79
C THR A 152 -13.12 1.40 -8.66
N LYS A 153 -13.95 2.01 -9.50
CA LYS A 153 -14.86 1.27 -10.39
C LYS A 153 -14.55 1.58 -11.84
N ASN A 154 -13.31 1.99 -12.09
CA ASN A 154 -12.85 2.28 -13.43
C ASN A 154 -13.07 1.11 -14.40
N LEU A 155 -12.57 -0.08 -14.06
CA LEU A 155 -12.75 -1.25 -14.93
C LEU A 155 -14.21 -1.61 -15.07
N GLN A 156 -14.90 -1.69 -13.93
CA GLN A 156 -16.28 -2.15 -13.90
C GLN A 156 -17.20 -1.22 -14.68
N ASN A 157 -16.91 0.09 -14.68
CA ASN A 157 -17.76 1.06 -15.37
C ASN A 157 -17.15 1.51 -16.68
N ARG A 158 -16.10 0.80 -17.11
CA ARG A 158 -15.39 1.05 -18.36
C ARG A 158 -14.98 2.50 -18.51
N GLY A 159 -14.41 3.04 -17.44
CA GLY A 159 -13.82 4.38 -17.43
C GLY A 159 -14.81 5.53 -17.51
N LYS A 160 -16.09 5.25 -17.25
CA LYS A 160 -17.17 6.22 -17.35
C LYS A 160 -17.99 6.32 -16.08
N ILE A 161 -18.85 7.33 -16.03
CA ILE A 161 -19.95 7.38 -15.05
C ILE A 161 -21.23 6.88 -15.75
N PRO A 162 -21.89 5.85 -15.19
CA PRO A 162 -23.10 5.42 -15.87
C PRO A 162 -24.17 6.53 -15.99
N SER A 163 -24.84 6.58 -17.14
CA SER A 163 -25.87 7.60 -17.44
C SER A 163 -25.37 9.04 -17.42
N TYR A 164 -24.09 9.23 -17.72
CA TYR A 164 -23.50 10.56 -17.78
C TYR A 164 -22.50 10.57 -18.92
N PRO A 165 -22.48 11.65 -19.73
CA PRO A 165 -21.61 11.75 -20.92
C PRO A 165 -20.12 11.60 -20.67
N GLU A 166 -19.45 10.83 -21.53
CA GLU A 166 -18.00 10.66 -21.39
C GLU A 166 -17.25 11.98 -21.58
N ASP A 167 -17.78 12.85 -22.46
CA ASP A 167 -17.15 14.15 -22.72
C ASP A 167 -17.12 15.06 -21.48
N ARG A 168 -18.00 14.81 -20.51
CA ARG A 168 -18.05 15.56 -19.24
C ARG A 168 -17.29 14.90 -18.10
N THR A 169 -16.60 13.80 -18.39
CA THR A 169 -15.99 12.98 -17.37
C THR A 169 -14.49 12.94 -17.58
N LYS A 170 -13.71 13.12 -16.52
CA LYS A 170 -12.27 12.94 -16.60
C LYS A 170 -11.76 12.06 -15.47
N VAL A 171 -11.17 10.93 -15.82
CA VAL A 171 -10.64 9.98 -14.86
C VAL A 171 -9.12 10.07 -14.82
N PHE A 172 -8.58 10.26 -13.61
CA PHE A 172 -7.16 10.15 -13.36
C PHE A 172 -6.91 8.82 -12.71
N CYS A 173 -6.31 7.92 -13.48
CA CYS A 173 -5.94 6.59 -12.99
C CYS A 173 -4.46 6.32 -13.34
N ASN A 174 -3.61 6.40 -12.33
CA ASN A 174 -2.18 6.18 -12.54
C ASN A 174 -1.83 4.75 -12.96
N THR A 175 -0.77 4.63 -13.76
CA THR A 175 -0.18 3.33 -14.06
C THR A 175 0.21 2.69 -12.74
N GLY A 176 -0.24 1.46 -12.53
CA GLY A 176 0.08 0.73 -11.31
C GLY A 176 -0.86 1.00 -10.15
N ASP A 177 -1.86 1.87 -10.34
CA ASP A 177 -2.93 1.98 -9.35
C ASP A 177 -3.92 0.84 -9.58
N LEU A 178 -3.83 -0.18 -8.73
CA LEU A 178 -4.55 -1.42 -8.92
C LEU A 178 -6.06 -1.28 -8.74
N VAL A 179 -6.52 -0.23 -8.04
CA VAL A 179 -7.97 -0.03 -7.89
C VAL A 179 -8.63 0.31 -9.22
N CYS A 180 -7.85 0.76 -10.20
CA CYS A 180 -8.37 1.14 -11.51
C CYS A 180 -8.49 -0.05 -12.50
N THR A 181 -7.98 -1.21 -12.10
CA THR A 181 -8.00 -2.40 -12.94
C THR A 181 -8.70 -3.54 -12.20
N GLY A 182 -9.64 -3.18 -11.34
CA GLY A 182 -10.52 -4.13 -10.70
C GLY A 182 -10.11 -4.72 -9.35
N SER A 183 -9.01 -4.27 -8.75
CA SER A 183 -8.57 -4.83 -7.48
C SER A 183 -9.03 -3.98 -6.31
N LEU A 184 -9.13 -4.61 -5.15
CA LEU A 184 -9.37 -3.93 -3.89
C LEU A 184 -8.05 -3.93 -3.14
N ILE A 185 -7.07 -3.25 -3.73
CA ILE A 185 -5.70 -3.26 -3.25
C ILE A 185 -5.15 -1.87 -3.46
N VAL A 186 -4.59 -1.28 -2.41
CA VAL A 186 -4.03 0.06 -2.46
C VAL A 186 -2.50 0.01 -2.46
N ALA A 187 -1.91 0.35 -3.59
CA ALA A 187 -0.47 0.45 -3.75
C ALA A 187 -0.12 1.94 -3.89
N ALA A 188 1.17 2.24 -3.88
CA ALA A 188 1.66 3.62 -3.81
C ALA A 188 1.15 4.58 -4.89
N PRO A 189 0.95 4.12 -6.16
CA PRO A 189 0.41 5.02 -7.19
C PRO A 189 -1.03 5.53 -6.89
N HIS A 190 -1.76 4.80 -6.06
CA HIS A 190 -3.08 5.26 -5.59
C HIS A 190 -2.96 6.51 -4.74
N LEU A 191 -1.75 6.81 -4.26
CA LEU A 191 -1.50 7.93 -3.37
C LEU A 191 -0.72 9.07 -4.07
N ALA A 192 -0.77 9.10 -5.39
CA ALA A 192 0.01 10.07 -6.17
C ALA A 192 -0.82 10.91 -7.15
N TYR A 193 -1.88 11.54 -6.65
CA TYR A 193 -2.77 12.36 -7.48
C TYR A 193 -2.68 13.87 -7.16
N GLN A 194 -1.63 14.26 -6.43
CA GLN A 194 -1.43 15.67 -6.07
C GLN A 194 -1.25 16.60 -7.29
N SER A 195 -0.46 16.17 -8.28
CA SER A 195 -0.26 16.95 -9.51
C SER A 195 -1.53 17.13 -10.33
N ALA A 196 -2.27 16.05 -10.50
CA ALA A 196 -3.56 16.07 -11.18
C ALA A 196 -4.52 17.01 -10.45
N ALA A 197 -4.55 16.92 -9.11
CA ALA A 197 -5.45 17.74 -8.29
C ALA A 197 -5.16 19.24 -8.42
N SER A 198 -3.88 19.56 -8.52
CA SER A 198 -3.44 20.93 -8.61
C SER A 198 -3.35 21.47 -10.03
N GLY A 199 -3.61 20.63 -11.03
CA GLY A 199 -3.38 21.05 -12.42
C GLY A 199 -4.45 20.60 -13.38
N ALA A 200 -4.26 19.42 -13.96
CA ALA A 200 -5.16 18.97 -15.01
C ALA A 200 -6.63 18.90 -14.56
N ALA A 201 -6.89 18.48 -13.32
CA ALA A 201 -8.29 18.33 -12.87
C ALA A 201 -9.08 19.66 -12.79
N PRO A 202 -8.54 20.67 -12.08
CA PRO A 202 -9.30 21.91 -12.10
C PRO A 202 -9.39 22.52 -13.49
N GLU A 203 -8.37 22.31 -14.30
CA GLU A 203 -8.38 22.87 -15.66
C GLU A 203 -9.53 22.29 -16.46
N PHE A 204 -9.73 20.97 -16.33
CA PHE A 204 -10.85 20.32 -16.96
C PHE A 204 -12.21 20.90 -16.49
N LEU A 205 -12.38 21.02 -15.18
CA LEU A 205 -13.62 21.53 -14.59
C LEU A 205 -13.89 22.98 -14.98
N ILE A 206 -12.84 23.79 -14.99
CA ILE A 206 -12.93 25.19 -15.45
C ILE A 206 -13.38 25.26 -16.93
N GLN A 207 -12.73 24.49 -17.80
CA GLN A 207 -13.15 24.45 -19.22
C GLN A 207 -14.65 24.11 -19.36
N LYS A 208 -15.08 23.08 -18.65
CA LYS A 208 -16.47 22.64 -18.74
C LYS A 208 -17.44 23.67 -18.15
N ALA A 209 -17.10 24.22 -16.98
CA ALA A 209 -17.97 25.20 -16.33
C ALA A 209 -18.08 26.49 -17.12
N ASP A 210 -16.95 26.97 -17.65
CA ASP A 210 -16.94 28.20 -18.47
C ASP A 210 -17.85 28.01 -19.69
N ALA A 211 -17.72 26.88 -20.37
CA ALA A 211 -18.58 26.57 -21.54
C ALA A 211 -20.06 26.49 -21.20
N ALA A 212 -20.39 25.90 -20.04
CA ALA A 212 -21.77 25.85 -19.58
C ALA A 212 -22.32 27.23 -19.26
N GLY A 213 -21.51 28.06 -18.61
CA GLY A 213 -21.91 29.43 -18.29
C GLY A 213 -22.11 30.31 -19.51
N ALA A 214 -21.18 30.22 -20.46
CA ALA A 214 -21.29 30.92 -21.74
C ALA A 214 -22.62 30.59 -22.45
N ALA A 215 -22.94 29.30 -22.51
CA ALA A 215 -24.14 28.85 -23.19
C ALA A 215 -25.42 29.38 -22.54
N ALA A 216 -25.44 29.50 -21.21
CA ALA A 216 -26.60 30.03 -20.50
C ALA A 216 -26.78 31.54 -20.73
N ALA A 217 -25.66 32.27 -20.79
CA ALA A 217 -25.68 33.70 -21.14
C ALA A 217 -26.22 33.88 -22.56
N ALA A 218 -25.79 33.03 -23.48
CA ALA A 218 -26.35 33.03 -24.84
C ALA A 218 -27.90 32.92 -24.79
N LEU A 219 -28.45 31.93 -24.09
CA LEU A 219 -29.89 31.91 -23.78
C LEU A 219 -30.22 32.96 -22.71
N SER B 19 -12.42 6.42 25.99
CA SER B 19 -12.30 5.07 25.39
C SER B 19 -11.22 5.01 24.30
N ILE B 20 -11.33 5.85 23.26
CA ILE B 20 -10.29 5.88 22.19
C ILE B 20 -9.04 6.64 22.61
N THR B 21 -9.09 7.32 23.76
CA THR B 21 -7.95 8.03 24.31
C THR B 21 -7.77 7.70 25.78
N ARG B 22 -6.58 7.24 26.14
CA ARG B 22 -6.22 6.95 27.53
C ARG B 22 -4.85 7.52 27.86
N ASN B 23 -4.77 8.16 29.03
CA ASN B 23 -3.55 8.78 29.49
C ASN B 23 -3.35 8.44 30.96
N ASP B 24 -3.63 7.19 31.34
CA ASP B 24 -3.51 6.74 32.74
C ASP B 24 -2.08 6.94 33.30
N LEU B 25 -1.07 6.68 32.47
CA LEU B 25 0.34 6.85 32.91
C LEU B 25 0.71 8.32 33.01
N ALA B 26 0.45 9.06 31.95
CA ALA B 26 0.76 10.49 31.91
C ALA B 26 0.10 11.22 33.08
N ASN B 27 -1.14 10.85 33.43
CA ASN B 27 -1.83 11.52 34.52
C ASN B 27 -1.59 10.85 35.87
N GLY B 28 -0.89 9.72 35.89
CA GLY B 28 -0.67 8.97 37.11
C GLY B 28 0.55 9.47 37.85
N ASN B 29 0.75 8.95 39.07
CA ASN B 29 1.93 9.31 39.86
C ASN B 29 2.34 8.18 40.80
N SER B 30 3.52 8.31 41.39
CA SER B 30 4.13 7.23 42.16
C SER B 30 3.37 6.80 43.40
N GLY B 31 2.36 7.55 43.82
CA GLY B 31 1.51 7.15 44.93
C GLY B 31 0.34 6.28 44.52
N SER B 32 0.14 6.07 43.23
CA SER B 32 -1.06 5.36 42.77
C SER B 32 -0.71 4.28 41.74
N CYS B 33 0.48 3.67 41.90
CA CYS B 33 1.02 2.74 40.91
C CYS B 33 0.19 1.47 40.82
N PRO B 34 -0.10 1.00 39.58
CA PRO B 34 -0.73 -0.27 39.37
C PRO B 34 0.32 -1.36 39.28
N GLY B 35 -0.14 -2.59 39.18
CA GLY B 35 0.77 -3.71 38.99
C GLY B 35 1.29 -3.82 37.56
N VAL B 36 0.51 -3.30 36.60
CA VAL B 36 0.80 -3.45 35.17
C VAL B 36 0.58 -2.12 34.44
N ILE B 37 1.47 -1.78 33.50
CA ILE B 37 1.33 -0.58 32.65
C ILE B 37 1.42 -0.99 31.16
N PHE B 38 0.40 -0.62 30.39
CA PHE B 38 0.29 -0.99 28.97
C PHE B 38 0.42 0.26 28.10
N ILE B 39 1.41 0.25 27.23
CA ILE B 39 1.67 1.40 26.34
C ILE B 39 1.43 0.92 24.93
N TYR B 40 0.52 1.59 24.22
CA TYR B 40 0.01 1.11 22.93
C TYR B 40 0.04 2.17 21.82
N ALA B 41 0.45 1.76 20.62
CA ALA B 41 0.50 2.67 19.46
C ALA B 41 -0.48 2.30 18.32
N ARG B 42 -1.41 3.21 18.01
CA ARG B 42 -2.41 3.04 16.95
C ARG B 42 -1.83 3.04 15.53
N GLY B 43 -2.70 2.73 14.57
CA GLY B 43 -2.36 2.69 13.14
C GLY B 43 -2.46 4.05 12.48
N SER B 44 -1.91 4.16 11.27
CA SER B 44 -2.00 5.41 10.52
C SER B 44 -3.47 5.84 10.35
N THR B 45 -3.72 7.14 10.55
CA THR B 45 -5.06 7.76 10.42
C THR B 45 -6.03 7.52 11.58
N GLU B 46 -5.68 6.61 12.51
CA GLU B 46 -6.62 6.26 13.57
C GLU B 46 -6.87 7.41 14.55
N SER B 47 -8.05 7.39 15.17
CA SER B 47 -8.45 8.43 16.12
C SER B 47 -7.91 8.19 17.52
N GLY B 48 -7.95 9.23 18.34
CA GLY B 48 -7.49 9.17 19.72
C GLY B 48 -6.04 8.79 19.79
N ASN B 49 -5.62 8.23 20.91
CA ASN B 49 -4.29 7.63 20.97
C ASN B 49 -4.33 6.10 21.06
N LEU B 50 -5.52 5.50 20.97
CA LEU B 50 -5.69 4.04 20.93
C LEU B 50 -6.31 3.49 19.61
N GLY B 51 -7.03 4.30 18.83
CA GLY B 51 -7.64 3.83 17.58
C GLY B 51 -8.68 2.74 17.84
N THR B 52 -8.80 1.79 16.92
CA THR B 52 -9.79 0.72 16.98
C THR B 52 -9.39 -0.50 17.82
N LEU B 53 -8.11 -0.86 17.86
CA LEU B 53 -7.70 -2.12 18.49
C LEU B 53 -7.26 -1.90 19.96
N GLY B 54 -6.66 -0.75 20.23
CA GLY B 54 -6.21 -0.42 21.59
C GLY B 54 -7.23 -0.59 22.69
N PRO B 55 -8.44 -0.02 22.51
CA PRO B 55 -9.48 -0.16 23.55
C PRO B 55 -9.90 -1.60 23.78
N ARG B 56 -9.85 -2.43 22.75
CA ARG B 56 -10.26 -3.84 22.88
C ARG B 56 -9.28 -4.61 23.75
N VAL B 57 -7.99 -4.39 23.51
CA VAL B 57 -6.95 -4.98 24.34
C VAL B 57 -7.09 -4.47 25.77
N ALA B 58 -7.29 -3.16 25.90
CA ALA B 58 -7.39 -2.51 27.22
C ALA B 58 -8.50 -3.11 28.07
N SER B 59 -9.68 -3.32 27.45
CA SER B 59 -10.84 -3.92 28.13
C SER B 59 -10.51 -5.23 28.80
N LYS B 60 -9.84 -6.10 28.05
CA LYS B 60 -9.52 -7.42 28.55
C LYS B 60 -8.42 -7.40 29.60
N LEU B 61 -7.49 -6.46 29.51
CA LEU B 61 -6.49 -6.26 30.57
C LEU B 61 -7.16 -5.81 31.87
N GLU B 62 -8.10 -4.87 31.77
CA GLU B 62 -8.82 -4.38 32.92
C GLU B 62 -9.67 -5.48 33.59
N ALA B 63 -10.19 -6.39 32.77
CA ALA B 63 -11.00 -7.49 33.28
C ALA B 63 -10.18 -8.40 34.18
N LYS B 64 -8.93 -8.66 33.79
CA LYS B 64 -8.05 -9.53 34.56
C LYS B 64 -7.45 -8.85 35.81
N TYR B 65 -6.97 -7.62 35.66
CA TYR B 65 -6.20 -6.96 36.71
C TYR B 65 -7.00 -5.96 37.55
N GLY B 66 -8.22 -5.64 37.12
CA GLY B 66 -9.03 -4.61 37.72
C GLY B 66 -8.76 -3.23 37.15
N LYS B 67 -9.74 -2.33 37.25
CA LYS B 67 -9.60 -0.99 36.68
C LYS B 67 -8.44 -0.21 37.31
N ASN B 68 -8.15 -0.47 38.58
CA ASN B 68 -7.03 0.18 39.27
C ASN B 68 -5.72 -0.62 39.27
N GLY B 69 -5.74 -1.81 38.70
CA GLY B 69 -4.56 -2.67 38.66
C GLY B 69 -3.79 -2.59 37.35
N VAL B 70 -4.32 -1.87 36.37
CA VAL B 70 -3.58 -1.65 35.12
C VAL B 70 -3.72 -0.19 34.68
N TRP B 71 -2.61 0.42 34.28
CA TRP B 71 -2.66 1.68 33.53
C TRP B 71 -2.64 1.42 32.04
N ILE B 72 -3.57 2.06 31.34
CA ILE B 72 -3.61 2.09 29.89
C ILE B 72 -3.14 3.46 29.35
N GLN B 73 -2.16 3.44 28.45
CA GLN B 73 -1.56 4.67 27.89
C GLN B 73 -1.34 4.56 26.40
N GLY B 74 -2.00 5.41 25.63
CA GLY B 74 -1.80 5.46 24.18
C GLY B 74 -0.64 6.36 23.81
N VAL B 75 -0.01 6.11 22.67
CA VAL B 75 1.09 6.95 22.20
C VAL B 75 0.49 8.04 21.32
N GLY B 76 0.32 9.22 21.91
CA GLY B 76 -0.21 10.41 21.24
C GLY B 76 0.92 11.42 21.03
N GLY B 77 0.67 12.68 21.36
CA GLY B 77 1.68 13.73 21.28
C GLY B 77 2.29 13.82 19.90
N ALA B 78 3.60 13.62 19.82
CA ALA B 78 4.28 13.70 18.55
C ALA B 78 3.95 12.56 17.56
N TYR B 79 3.34 11.48 18.03
CA TYR B 79 2.89 10.45 17.08
C TYR B 79 1.57 10.82 16.42
N ARG B 80 1.66 11.35 15.20
CA ARG B 80 0.48 11.77 14.47
C ARG B 80 -0.05 10.70 13.52
N ALA B 81 0.68 9.60 13.39
CA ALA B 81 0.19 8.43 12.66
C ALA B 81 -0.13 8.78 11.20
N THR B 82 0.79 9.47 10.54
CA THR B 82 0.63 9.91 9.16
C THR B 82 1.00 8.83 8.19
N LEU B 83 0.34 8.85 7.02
CA LEU B 83 0.60 7.85 5.99
C LEU B 83 2.03 7.82 5.48
N GLY B 84 2.63 8.99 5.31
CA GLY B 84 3.95 9.10 4.70
C GLY B 84 5.06 8.49 5.51
N ASP B 85 4.90 8.50 6.84
CA ASP B 85 5.95 8.03 7.76
C ASP B 85 6.20 6.52 7.69
N ASN B 86 5.26 5.77 7.14
CA ASN B 86 5.46 4.35 6.87
C ASN B 86 6.67 4.10 5.98
N ALA B 87 6.99 5.07 5.11
CA ALA B 87 8.07 4.89 4.17
C ALA B 87 9.43 5.30 4.73
N LEU B 88 9.50 5.74 5.99
CA LEU B 88 10.80 6.05 6.59
C LEU B 88 11.50 4.74 6.96
N PRO B 89 12.84 4.76 7.08
CA PRO B 89 13.66 3.57 7.31
C PRO B 89 13.08 2.51 8.29
N ARG B 90 12.63 2.95 9.45
CA ARG B 90 12.16 2.03 10.49
C ARG B 90 10.62 1.87 10.50
N GLY B 91 9.94 2.54 9.57
CA GLY B 91 8.50 2.42 9.44
C GLY B 91 7.69 3.46 10.19
N THR B 92 8.38 4.37 10.86
CA THR B 92 7.75 5.49 11.53
C THR B 92 8.82 6.55 11.80
N SER B 93 8.44 7.68 12.36
CA SER B 93 9.38 8.78 12.63
C SER B 93 10.08 8.68 13.96
N SER B 94 11.26 9.29 14.06
CA SER B 94 11.99 9.38 15.31
C SER B 94 11.25 10.21 16.35
N ALA B 95 10.43 11.17 15.92
CA ALA B 95 9.61 11.92 16.86
C ALA B 95 8.65 10.99 17.60
N ALA B 96 8.03 10.08 16.85
CA ALA B 96 7.07 9.12 17.41
C ALA B 96 7.74 8.15 18.39
N ILE B 97 8.92 7.65 18.02
CA ILE B 97 9.72 6.80 18.88
C ILE B 97 10.07 7.53 20.17
N ARG B 98 10.51 8.78 20.07
CA ARG B 98 10.80 9.58 21.25
C ARG B 98 9.59 9.61 22.19
N GLU B 99 8.40 9.74 21.63
CA GLU B 99 7.19 9.84 22.45
C GLU B 99 6.96 8.56 23.25
N MET B 100 7.06 7.41 22.57
CA MET B 100 6.79 6.12 23.21
C MET B 100 7.90 5.79 24.20
N LEU B 101 9.13 6.12 23.84
CA LEU B 101 10.28 6.02 24.75
C LEU B 101 10.06 6.83 26.02
N GLY B 102 9.52 8.04 25.87
CA GLY B 102 9.15 8.87 27.00
C GLY B 102 8.22 8.19 27.97
N HIS B 103 7.21 7.47 27.45
CA HIS B 103 6.30 6.71 28.31
C HIS B 103 7.01 5.56 29.03
N PHE B 104 7.90 4.84 28.35
CA PHE B 104 8.69 3.77 29.00
C PHE B 104 9.49 4.33 30.17
N SER B 105 10.16 5.46 29.95
CA SER B 105 10.91 6.08 31.03
C SER B 105 10.02 6.57 32.12
N ASP B 106 8.90 7.22 31.76
CA ASP B 106 8.00 7.78 32.77
C ASP B 106 7.48 6.67 33.69
N ALA B 107 7.06 5.55 33.09
CA ALA B 107 6.63 4.36 33.84
C ALA B 107 7.73 3.85 34.80
N ASN B 108 8.97 3.83 34.35
CA ASN B 108 10.06 3.33 35.18
C ASN B 108 10.32 4.27 36.38
N GLN B 109 10.28 5.57 36.11
CA GLN B 109 10.46 6.60 37.13
C GLN B 109 9.38 6.62 38.20
N LYS B 110 8.12 6.56 37.76
CA LYS B 110 7.00 6.62 38.67
C LYS B 110 6.80 5.30 39.40
N CYS B 111 6.95 4.20 38.65
CA CYS B 111 6.51 2.89 39.12
C CYS B 111 7.53 1.80 38.75
N PRO B 112 8.73 1.85 39.37
CA PRO B 112 9.86 0.94 39.08
C PRO B 112 9.55 -0.57 39.14
N ASP B 113 8.57 -0.96 39.95
CA ASP B 113 8.17 -2.36 40.11
C ASP B 113 7.00 -2.80 39.24
N ALA B 114 6.40 -1.88 38.47
CA ALA B 114 5.27 -2.26 37.67
C ALA B 114 5.74 -3.04 36.45
N VAL B 115 5.00 -4.07 36.08
CA VAL B 115 5.30 -4.83 34.89
C VAL B 115 4.86 -4.03 33.67
N LEU B 116 5.75 -3.82 32.71
CA LEU B 116 5.40 -3.17 31.45
C LEU B 116 4.95 -4.17 30.39
N ILE B 117 3.95 -3.78 29.61
CA ILE B 117 3.56 -4.51 28.40
C ILE B 117 3.31 -3.48 27.29
N ALA B 118 3.42 -3.92 26.04
CA ALA B 118 3.34 -3.02 24.91
C ALA B 118 2.63 -3.64 23.73
N GLY B 119 2.21 -2.77 22.81
CA GLY B 119 1.62 -3.23 21.58
C GLY B 119 1.47 -2.13 20.56
N GLY B 120 1.10 -2.54 19.36
CA GLY B 120 0.80 -1.60 18.30
C GLY B 120 0.21 -2.25 17.06
N TYR B 121 -0.38 -1.41 16.22
CA TYR B 121 -1.06 -1.83 14.98
C TYR B 121 -0.50 -1.08 13.77
N SER B 122 -0.06 -1.81 12.76
CA SER B 122 0.33 -1.24 11.47
C SER B 122 1.52 -0.32 11.69
N GLN B 123 1.40 0.96 11.37
CA GLN B 123 2.49 1.88 11.69
C GLN B 123 2.84 1.80 13.17
N GLY B 124 1.82 1.64 14.01
CA GLY B 124 1.99 1.55 15.46
C GLY B 124 2.78 0.32 15.90
N ALA B 125 2.72 -0.72 15.08
CA ALA B 125 3.49 -1.96 15.30
C ALA B 125 4.95 -1.73 15.01
N ALA B 126 5.25 -1.07 13.90
CA ALA B 126 6.61 -0.62 13.61
C ALA B 126 7.14 0.29 14.73
N LEU B 127 6.29 1.17 15.25
CA LEU B 127 6.69 2.09 16.31
C LEU B 127 7.00 1.33 17.61
N ALA B 128 6.12 0.40 17.99
CA ALA B 128 6.30 -0.40 19.19
C ALA B 128 7.60 -1.23 19.11
N ALA B 129 7.83 -1.85 17.96
CA ALA B 129 9.07 -2.59 17.72
C ALA B 129 10.33 -1.70 17.87
N ALA B 130 10.35 -0.56 17.18
CA ALA B 130 11.53 0.31 17.24
C ALA B 130 11.78 0.83 18.65
N SER B 131 10.70 1.19 19.35
CA SER B 131 10.81 1.76 20.69
C SER B 131 11.26 0.71 21.71
N VAL B 132 10.78 -0.52 21.54
CA VAL B 132 11.25 -1.61 22.40
C VAL B 132 12.72 -1.92 22.12
N THR B 133 13.11 -1.96 20.86
CA THR B 133 14.52 -2.07 20.48
C THR B 133 15.37 -0.97 21.10
N ASP B 134 14.92 0.28 20.98
CA ASP B 134 15.73 1.46 21.35
C ASP B 134 15.74 1.78 22.83
N VAL B 135 14.77 1.31 23.60
CA VAL B 135 14.73 1.66 25.01
C VAL B 135 15.92 0.99 25.69
N ASP B 136 16.46 1.62 26.74
CA ASP B 136 17.61 1.08 27.43
C ASP B 136 17.29 -0.31 27.96
N ALA B 137 18.26 -1.22 27.87
CA ALA B 137 18.06 -2.61 28.24
C ALA B 137 17.58 -2.80 29.68
N GLY B 138 17.91 -1.87 30.56
CA GLY B 138 17.45 -1.94 31.95
C GLY B 138 15.93 -1.87 32.03
N ILE B 139 15.34 -0.98 31.23
CA ILE B 139 13.89 -0.90 31.12
C ILE B 139 13.33 -1.96 30.18
N ARG B 140 14.05 -2.31 29.11
CA ARG B 140 13.53 -3.31 28.16
C ARG B 140 13.28 -4.66 28.86
N GLU B 141 14.12 -4.95 29.85
N GLU B 141 14.11 -4.99 29.85
CA GLU B 141 14.00 -6.17 30.65
CA GLU B 141 13.94 -6.25 30.62
C GLU B 141 12.67 -6.21 31.41
C GLU B 141 12.64 -6.23 31.41
N LYS B 142 12.18 -5.05 31.81
CA LYS B 142 10.89 -4.91 32.52
C LYS B 142 9.67 -5.10 31.60
N ILE B 143 9.87 -5.09 30.28
CA ILE B 143 8.78 -5.28 29.33
C ILE B 143 8.55 -6.78 29.20
N ALA B 144 7.50 -7.29 29.84
CA ALA B 144 7.26 -8.75 29.89
C ALA B 144 6.72 -9.35 28.59
N GLY B 145 5.96 -8.56 27.82
CA GLY B 145 5.43 -9.01 26.52
C GLY B 145 5.03 -7.86 25.61
N ALA B 146 4.87 -8.18 24.32
CA ALA B 146 4.50 -7.20 23.30
C ALA B 146 3.76 -7.91 22.19
N VAL B 147 2.68 -7.27 21.72
CA VAL B 147 1.87 -7.76 20.63
C VAL B 147 1.87 -6.76 19.47
N LEU B 148 1.93 -7.30 18.26
CA LEU B 148 2.03 -6.50 17.04
C LEU B 148 1.00 -6.97 16.02
N PHE B 149 0.01 -6.12 15.74
CA PHE B 149 -1.02 -6.41 14.74
C PHE B 149 -0.60 -5.79 13.39
N GLY B 150 -0.69 -6.56 12.31
CA GLY B 150 -0.39 -6.05 10.97
C GLY B 150 0.99 -5.42 10.95
N TYR B 151 1.97 -6.19 11.40
CA TYR B 151 3.34 -5.73 11.62
C TYR B 151 4.05 -5.40 10.30
N THR B 152 4.23 -4.11 10.03
CA THR B 152 4.82 -3.65 8.76
C THR B 152 6.30 -4.00 8.54
N LYS B 153 7.01 -4.38 9.59
CA LYS B 153 8.39 -4.84 9.45
C LYS B 153 8.54 -6.33 9.77
N ASN B 154 7.46 -7.08 9.62
CA ASN B 154 7.47 -8.50 9.89
C ASN B 154 8.55 -9.26 9.10
N LEU B 155 8.55 -9.12 7.77
CA LEU B 155 9.50 -9.89 6.97
C LEU B 155 10.91 -9.41 7.24
N GLN B 156 11.05 -8.09 7.34
CA GLN B 156 12.34 -7.46 7.44
C GLN B 156 13.02 -7.82 8.76
N ASN B 157 12.25 -7.91 9.84
CA ASN B 157 12.78 -8.28 11.16
C ASN B 157 12.60 -9.76 11.49
N ARG B 158 12.22 -10.57 10.49
CA ARG B 158 12.07 -12.01 10.65
C ARG B 158 11.06 -12.40 11.73
N GLY B 159 9.97 -11.66 11.84
CA GLY B 159 8.93 -11.98 12.81
C GLY B 159 9.24 -11.62 14.24
N LYS B 160 10.27 -10.80 14.45
CA LYS B 160 10.76 -10.43 15.79
C LYS B 160 10.82 -8.92 15.98
N ILE B 161 11.08 -8.53 17.23
CA ILE B 161 11.53 -7.20 17.58
C ILE B 161 13.04 -7.29 17.83
N PRO B 162 13.83 -6.53 17.06
CA PRO B 162 15.27 -6.56 17.29
C PRO B 162 15.65 -6.25 18.74
N SER B 163 16.64 -7.00 19.24
CA SER B 163 17.17 -6.87 20.63
C SER B 163 16.16 -7.20 21.73
N TYR B 164 15.17 -8.02 21.42
CA TYR B 164 14.10 -8.33 22.35
C TYR B 164 13.71 -9.79 22.15
N PRO B 165 13.58 -10.55 23.25
CA PRO B 165 13.29 -12.00 23.17
C PRO B 165 12.06 -12.35 22.35
N GLU B 166 12.18 -13.30 21.43
CA GLU B 166 11.07 -13.70 20.59
C GLU B 166 9.96 -14.40 21.38
N ASP B 167 10.32 -15.05 22.49
CA ASP B 167 9.34 -15.71 23.35
C ASP B 167 8.42 -14.69 24.03
N ARG B 168 8.84 -13.41 24.09
CA ARG B 168 8.04 -12.34 24.68
C ARG B 168 7.18 -11.59 23.65
N THR B 169 7.29 -12.01 22.40
CA THR B 169 6.73 -11.31 21.26
C THR B 169 5.63 -12.12 20.58
N LYS B 170 4.50 -11.48 20.30
CA LYS B 170 3.44 -12.14 19.57
C LYS B 170 2.95 -11.30 18.41
N VAL B 171 3.19 -11.79 17.20
CA VAL B 171 2.81 -11.10 15.96
C VAL B 171 1.52 -11.67 15.40
N PHE B 172 0.58 -10.79 15.09
CA PHE B 172 -0.64 -11.16 14.39
C PHE B 172 -0.55 -10.60 12.98
N CYS B 173 -0.35 -11.50 12.02
CA CYS B 173 -0.20 -11.16 10.62
C CYS B 173 -1.09 -12.09 9.83
N ASN B 174 -2.24 -11.58 9.43
CA ASN B 174 -3.21 -12.38 8.70
C ASN B 174 -2.66 -12.82 7.35
N THR B 175 -3.12 -13.98 6.91
CA THR B 175 -2.85 -14.44 5.54
C THR B 175 -3.39 -13.41 4.57
N GLY B 176 -2.56 -12.96 3.65
CA GLY B 176 -2.99 -11.97 2.67
C GLY B 176 -2.79 -10.53 3.12
N ASP B 177 -2.30 -10.32 4.35
CA ASP B 177 -1.91 -9.00 4.78
C ASP B 177 -0.52 -8.71 4.23
N LEU B 178 -0.48 -7.91 3.16
CA LEU B 178 0.73 -7.69 2.41
C LEU B 178 1.79 -6.84 3.13
N VAL B 179 1.42 -6.12 4.19
CA VAL B 179 2.45 -5.40 4.95
C VAL B 179 3.34 -6.37 5.75
N CYS B 180 2.83 -7.58 6.00
CA CYS B 180 3.57 -8.61 6.71
C CYS B 180 4.55 -9.41 5.83
N THR B 181 4.45 -9.26 4.50
CA THR B 181 5.30 -9.99 3.55
C THR B 181 6.22 -9.06 2.76
N GLY B 182 6.65 -7.97 3.38
CA GLY B 182 7.67 -7.12 2.79
C GLY B 182 7.25 -5.95 1.92
N SER B 183 5.95 -5.63 1.86
N SER B 183 5.96 -5.64 1.85
CA SER B 183 5.48 -4.49 1.06
CA SER B 183 5.48 -4.50 1.07
C SER B 183 4.70 -3.51 1.93
C SER B 183 4.70 -3.51 1.93
N LEU B 184 4.38 -2.36 1.36
CA LEU B 184 3.53 -1.37 2.02
C LEU B 184 2.21 -1.25 1.25
N ILE B 185 1.61 -2.39 0.93
CA ILE B 185 0.40 -2.44 0.13
C ILE B 185 -0.74 -2.86 1.06
N VAL B 186 -1.87 -2.15 0.98
CA VAL B 186 -3.02 -2.44 1.83
C VAL B 186 -4.06 -3.30 1.12
N ALA B 187 -4.36 -4.46 1.72
CA ALA B 187 -5.40 -5.36 1.27
C ALA B 187 -6.32 -5.61 2.46
N ALA B 188 -7.51 -6.16 2.18
CA ALA B 188 -8.55 -6.29 3.20
C ALA B 188 -8.12 -6.96 4.52
N PRO B 189 -7.28 -8.02 4.46
CA PRO B 189 -6.87 -8.69 5.71
C PRO B 189 -6.07 -7.80 6.70
N HIS B 190 -5.54 -6.68 6.22
CA HIS B 190 -4.88 -5.71 7.09
C HIS B 190 -5.85 -5.06 8.06
N LEU B 191 -7.13 -5.13 7.73
CA LEU B 191 -8.19 -4.47 8.51
C LEU B 191 -9.02 -5.45 9.36
N ALA B 192 -8.55 -6.67 9.55
CA ALA B 192 -9.30 -7.70 10.28
C ALA B 192 -8.56 -8.21 11.50
N TYR B 193 -8.21 -7.30 12.43
CA TYR B 193 -7.50 -7.67 13.66
C TYR B 193 -8.33 -7.51 14.96
N GLN B 194 -9.64 -7.29 14.81
CA GLN B 194 -10.53 -7.04 15.93
C GLN B 194 -10.65 -8.24 16.86
N SER B 195 -10.79 -9.41 16.26
CA SER B 195 -10.86 -10.69 16.93
C SER B 195 -9.62 -10.94 17.77
N ALA B 196 -8.45 -10.80 17.15
CA ALA B 196 -7.18 -10.91 17.86
C ALA B 196 -7.05 -9.92 19.03
N ALA B 197 -7.49 -8.68 18.79
CA ALA B 197 -7.38 -7.61 19.79
C ALA B 197 -8.25 -7.85 21.01
N SER B 198 -9.38 -8.53 20.83
CA SER B 198 -10.29 -8.85 21.93
C SER B 198 -10.06 -10.21 22.53
N GLY B 199 -9.15 -10.98 21.96
CA GLY B 199 -8.94 -12.35 22.40
C GLY B 199 -7.50 -12.73 22.63
N ALA B 200 -6.89 -13.31 21.61
CA ALA B 200 -5.56 -13.86 21.71
C ALA B 200 -4.46 -12.87 22.17
N ALA B 201 -4.57 -11.61 21.77
CA ALA B 201 -3.52 -10.64 22.07
C ALA B 201 -3.49 -10.26 23.57
N PRO B 202 -4.62 -9.83 24.14
CA PRO B 202 -4.59 -9.61 25.60
C PRO B 202 -4.29 -10.90 26.43
N GLU B 203 -4.76 -12.06 25.99
CA GLU B 203 -4.42 -13.33 26.66
C GLU B 203 -2.93 -13.53 26.75
N PHE B 204 -2.23 -13.26 25.64
CA PHE B 204 -0.80 -13.42 25.59
C PHE B 204 -0.13 -12.47 26.58
N LEU B 205 -0.54 -11.20 26.56
CA LEU B 205 0.06 -10.19 27.44
C LEU B 205 -0.15 -10.54 28.90
N ILE B 206 -1.35 -10.95 29.22
CA ILE B 206 -1.68 -11.46 30.57
C ILE B 206 -0.76 -12.62 30.98
N GLN B 207 -0.62 -13.63 30.11
CA GLN B 207 0.27 -14.76 30.43
C GLN B 207 1.67 -14.29 30.76
N LYS B 208 2.22 -13.37 29.95
CA LYS B 208 3.58 -12.88 30.15
C LYS B 208 3.72 -12.00 31.38
N ALA B 209 2.76 -11.09 31.58
CA ALA B 209 2.80 -10.20 32.72
C ALA B 209 2.65 -11.00 34.03
N ASP B 210 1.73 -11.96 34.03
CA ASP B 210 1.56 -12.85 35.19
C ASP B 210 2.86 -13.58 35.49
N ALA B 211 3.46 -14.19 34.49
CA ALA B 211 4.73 -14.92 34.67
C ALA B 211 5.85 -14.02 35.19
N ALA B 212 5.81 -12.73 34.84
CA ALA B 212 6.77 -11.76 35.36
C ALA B 212 6.46 -11.32 36.78
N GLY B 213 5.32 -11.72 37.31
CA GLY B 213 4.95 -11.43 38.70
C GLY B 213 3.78 -10.46 38.90
N ALA B 214 3.04 -10.16 37.84
CA ALA B 214 1.90 -9.23 37.94
C ALA B 214 0.86 -9.65 38.98
N ALA B 215 0.54 -10.95 39.03
CA ALA B 215 -0.40 -11.49 40.03
C ALA B 215 -0.06 -11.06 41.46
N ALA B 216 1.21 -11.18 41.83
CA ALA B 216 1.70 -10.78 43.17
C ALA B 216 1.58 -9.28 43.51
N ALA B 217 1.26 -8.43 42.53
CA ALA B 217 1.19 -6.98 42.74
C ALA B 217 -0.26 -6.47 42.68
N SER C 19 20.73 -1.83 -5.24
CA SER C 19 20.13 -0.96 -6.30
C SER C 19 19.06 -1.68 -7.11
N ILE C 20 18.08 -0.91 -7.58
CA ILE C 20 17.04 -1.43 -8.45
C ILE C 20 17.51 -1.43 -9.90
N THR C 21 18.70 -0.89 -10.14
CA THR C 21 19.31 -0.90 -11.46
C THR C 21 20.70 -1.54 -11.36
N ARG C 22 20.93 -2.57 -12.18
CA ARG C 22 22.22 -3.25 -12.23
C ARG C 22 22.55 -3.54 -13.69
N ASN C 23 23.79 -3.22 -14.07
CA ASN C 23 24.30 -3.41 -15.43
C ASN C 23 25.71 -4.01 -15.41
N ASP C 24 25.94 -4.96 -14.50
CA ASP C 24 27.27 -5.59 -14.35
C ASP C 24 27.77 -6.18 -15.67
N LEU C 25 26.87 -6.86 -16.39
CA LEU C 25 27.18 -7.51 -17.66
C LEU C 25 27.43 -6.53 -18.81
N ALA C 26 26.57 -5.52 -18.93
CA ALA C 26 26.74 -4.51 -19.97
C ALA C 26 28.05 -3.74 -19.77
N ASN C 27 28.31 -3.32 -18.54
CA ASN C 27 29.55 -2.60 -18.21
C ASN C 27 30.77 -3.50 -18.09
N GLY C 28 30.57 -4.81 -17.92
CA GLY C 28 31.66 -5.76 -17.77
C GLY C 28 32.34 -6.10 -19.09
N ASN C 29 33.62 -6.50 -19.01
CA ASN C 29 34.40 -6.92 -20.18
C ASN C 29 34.98 -8.33 -20.00
N SER C 30 35.45 -8.89 -21.11
CA SER C 30 35.92 -10.27 -21.14
C SER C 30 37.22 -10.50 -20.35
N GLY C 31 37.76 -9.46 -19.73
CA GLY C 31 38.95 -9.59 -18.88
C GLY C 31 38.70 -9.64 -17.37
N SER C 32 37.45 -9.53 -16.95
CA SER C 32 37.09 -9.63 -15.53
C SER C 32 35.83 -10.47 -15.37
N CYS C 33 35.83 -11.65 -16.00
CA CYS C 33 34.64 -12.52 -16.05
C CYS C 33 34.34 -13.13 -14.69
N PRO C 34 33.04 -13.22 -14.34
CA PRO C 34 32.63 -13.90 -13.13
C PRO C 34 32.41 -15.37 -13.39
N GLY C 35 32.19 -16.16 -12.35
CA GLY C 35 31.79 -17.56 -12.52
C GLY C 35 30.31 -17.73 -12.87
N VAL C 36 29.51 -16.72 -12.53
CA VAL C 36 28.06 -16.78 -12.69
C VAL C 36 27.54 -15.44 -13.23
N ILE C 37 26.60 -15.51 -14.17
CA ILE C 37 25.94 -14.30 -14.69
C ILE C 37 24.42 -14.51 -14.61
N PHE C 38 23.74 -13.57 -13.94
CA PHE C 38 22.30 -13.64 -13.67
C PHE C 38 21.58 -12.53 -14.43
N ILE C 39 20.69 -12.91 -15.34
CA ILE C 39 19.89 -11.97 -16.15
C ILE C 39 18.40 -12.04 -15.76
N TYR C 40 17.84 -10.87 -15.42
CA TYR C 40 16.53 -10.79 -14.73
C TYR C 40 15.63 -9.70 -15.29
N ALA C 41 14.33 -10.01 -15.45
CA ALA C 41 13.36 -9.05 -16.00
C ALA C 41 12.26 -8.72 -14.98
N ARG C 42 12.05 -7.43 -14.77
CA ARG C 42 11.10 -6.94 -13.77
C ARG C 42 9.64 -7.09 -14.22
N GLY C 43 8.73 -6.85 -13.28
CA GLY C 43 7.28 -6.89 -13.54
C GLY C 43 6.78 -5.58 -14.11
N SER C 44 5.56 -5.61 -14.62
CA SER C 44 4.94 -4.43 -15.23
C SER C 44 4.93 -3.25 -14.27
N THR C 45 5.33 -2.08 -14.77
CA THR C 45 5.36 -0.81 -14.01
C THR C 45 6.37 -0.75 -12.87
N GLU C 46 7.28 -1.72 -12.75
CA GLU C 46 8.26 -1.70 -11.66
C GLU C 46 9.42 -0.78 -12.00
N SER C 47 10.08 -0.26 -10.97
CA SER C 47 11.16 0.70 -11.17
C SER C 47 12.49 0.03 -11.50
N GLY C 48 13.41 0.82 -12.05
CA GLY C 48 14.74 0.38 -12.41
C GLY C 48 14.71 -0.69 -13.49
N ASN C 49 15.71 -1.54 -13.50
CA ASN C 49 15.64 -2.74 -14.33
C ASN C 49 15.60 -4.02 -13.50
N LEU C 50 15.50 -3.88 -12.16
CA LEU C 50 15.33 -5.02 -11.28
C LEU C 50 14.03 -5.04 -10.48
N GLY C 51 13.31 -3.91 -10.44
CA GLY C 51 12.09 -3.83 -9.63
C GLY C 51 12.28 -4.23 -8.18
N THR C 52 11.27 -4.87 -7.59
CA THR C 52 11.26 -5.23 -6.17
C THR C 52 11.94 -6.54 -5.84
N LEU C 53 11.82 -7.53 -6.72
CA LEU C 53 12.33 -8.89 -6.44
C LEU C 53 13.75 -9.15 -6.91
N GLY C 54 14.16 -8.50 -8.01
CA GLY C 54 15.50 -8.66 -8.57
C GLY C 54 16.61 -8.39 -7.58
N PRO C 55 16.53 -7.26 -6.83
CA PRO C 55 17.59 -6.97 -5.87
C PRO C 55 17.71 -7.98 -4.73
N ARG C 56 16.59 -8.56 -4.33
CA ARG C 56 16.61 -9.57 -3.30
C ARG C 56 17.32 -10.86 -3.75
N VAL C 57 17.09 -11.25 -5.01
CA VAL C 57 17.77 -12.43 -5.55
C VAL C 57 19.25 -12.13 -5.69
N ALA C 58 19.58 -10.96 -6.23
CA ALA C 58 20.96 -10.51 -6.40
C ALA C 58 21.78 -10.56 -5.10
N SER C 59 21.20 -10.01 -4.04
CA SER C 59 21.86 -9.96 -2.73
CA SER C 59 21.86 -9.96 -2.73
C SER C 59 22.36 -11.34 -2.32
N LYS C 60 21.49 -12.34 -2.43
CA LYS C 60 21.82 -13.70 -2.01
C LYS C 60 22.84 -14.39 -2.94
N LEU C 61 22.70 -14.18 -4.25
CA LEU C 61 23.73 -14.64 -5.18
C LEU C 61 25.11 -14.08 -4.77
N GLU C 62 25.16 -12.80 -4.41
CA GLU C 62 26.40 -12.17 -3.93
C GLU C 62 26.92 -12.70 -2.59
N ALA C 63 26.02 -13.08 -1.68
CA ALA C 63 26.44 -13.72 -0.44
C ALA C 63 27.19 -15.03 -0.71
N LYS C 64 26.76 -15.76 -1.74
CA LYS C 64 27.34 -17.06 -2.10
C LYS C 64 28.66 -16.92 -2.87
N TYR C 65 28.63 -16.18 -3.98
CA TYR C 65 29.77 -16.12 -4.90
C TYR C 65 30.65 -14.88 -4.71
N GLY C 66 30.20 -13.93 -3.88
CA GLY C 66 30.87 -12.64 -3.74
C GLY C 66 30.56 -11.78 -4.94
N LYS C 67 30.61 -10.46 -4.77
CA LYS C 67 30.34 -9.51 -5.87
C LYS C 67 31.25 -9.75 -7.09
N ASN C 68 32.49 -10.19 -6.83
CA ASN C 68 33.43 -10.56 -7.88
C ASN C 68 33.00 -11.83 -8.63
N GLY C 69 32.31 -12.73 -7.93
CA GLY C 69 31.95 -14.02 -8.51
C GLY C 69 30.61 -14.10 -9.26
N VAL C 70 29.88 -12.98 -9.32
CA VAL C 70 28.60 -12.94 -10.03
C VAL C 70 28.31 -11.58 -10.64
N TRP C 71 27.88 -11.56 -11.91
CA TRP C 71 27.35 -10.35 -12.53
C TRP C 71 25.83 -10.38 -12.49
N ILE C 72 25.26 -9.26 -12.02
CA ILE C 72 23.80 -9.05 -11.97
C ILE C 72 23.45 -8.10 -13.10
N GLN C 73 22.57 -8.52 -13.99
CA GLN C 73 22.13 -7.69 -15.11
C GLN C 73 20.62 -7.70 -15.21
N GLY C 74 20.01 -6.53 -15.12
CA GLY C 74 18.58 -6.39 -15.37
C GLY C 74 18.28 -6.11 -16.83
N VAL C 75 17.09 -6.49 -17.27
CA VAL C 75 16.64 -6.19 -18.60
C VAL C 75 15.98 -4.81 -18.57
N GLY C 76 16.78 -3.79 -18.86
CA GLY C 76 16.27 -2.43 -18.97
C GLY C 76 16.08 -2.08 -20.44
N GLY C 77 16.66 -0.96 -20.85
CA GLY C 77 16.67 -0.57 -22.26
C GLY C 77 15.32 -0.54 -22.93
N ALA C 78 15.11 -1.47 -23.86
CA ALA C 78 13.87 -1.52 -24.65
C ALA C 78 12.69 -2.10 -23.88
N TYR C 79 12.96 -2.89 -22.85
CA TYR C 79 11.90 -3.43 -22.00
C TYR C 79 11.41 -2.35 -21.05
N ARG C 80 10.17 -1.92 -21.29
CA ARG C 80 9.53 -0.82 -20.57
C ARG C 80 8.47 -1.30 -19.57
N ALA C 81 8.22 -2.60 -19.56
CA ALA C 81 7.30 -3.21 -18.61
C ALA C 81 5.97 -2.47 -18.55
N THR C 82 5.38 -2.22 -19.71
CA THR C 82 4.09 -1.52 -19.79
C THR C 82 2.96 -2.52 -19.56
N LEU C 83 1.88 -2.07 -18.93
CA LEU C 83 0.75 -2.96 -18.60
C LEU C 83 0.13 -3.60 -19.84
N GLY C 84 -0.11 -2.79 -20.86
CA GLY C 84 -0.74 -3.26 -22.10
C GLY C 84 -0.04 -4.40 -22.82
N ASP C 85 1.29 -4.47 -22.69
CA ASP C 85 2.06 -5.49 -23.39
C ASP C 85 1.78 -6.92 -22.86
N ASN C 86 1.20 -7.04 -21.66
CA ASN C 86 0.71 -8.33 -21.17
C ASN C 86 -0.28 -8.98 -22.14
N ALA C 87 -1.01 -8.14 -22.87
CA ALA C 87 -2.02 -8.58 -23.81
C ALA C 87 -1.47 -9.20 -25.08
N LEU C 88 -0.18 -9.03 -25.34
CA LEU C 88 0.43 -9.52 -26.56
C LEU C 88 0.67 -11.03 -26.52
N PRO C 89 0.80 -11.67 -27.69
CA PRO C 89 0.82 -13.14 -27.83
C PRO C 89 1.66 -13.89 -26.79
N ARG C 90 2.90 -13.44 -26.58
CA ARG C 90 3.80 -14.16 -25.68
C ARG C 90 3.85 -13.55 -24.28
N GLY C 91 3.01 -12.53 -24.05
CA GLY C 91 2.87 -11.93 -22.73
C GLY C 91 3.76 -10.71 -22.56
N THR C 92 4.45 -10.32 -23.64
CA THR C 92 5.29 -9.14 -23.63
C THR C 92 5.61 -8.70 -25.07
N SER C 93 6.42 -7.65 -25.24
CA SER C 93 6.74 -7.16 -26.60
C SER C 93 7.93 -7.90 -27.24
N SER C 94 7.99 -7.89 -28.57
CA SER C 94 9.14 -8.43 -29.30
C SER C 94 10.40 -7.61 -29.02
N ALA C 95 10.22 -6.29 -28.88
CA ALA C 95 11.36 -5.41 -28.55
C ALA C 95 12.01 -5.84 -27.22
N ALA C 96 11.18 -6.22 -26.25
CA ALA C 96 11.67 -6.63 -24.92
C ALA C 96 12.40 -7.97 -24.98
N ILE C 97 11.85 -8.91 -25.73
CA ILE C 97 12.46 -10.22 -25.95
C ILE C 97 13.85 -10.02 -26.56
N ARG C 98 13.93 -9.12 -27.53
CA ARG C 98 15.16 -8.78 -28.23
C ARG C 98 16.21 -8.29 -27.22
N GLU C 99 15.80 -7.42 -26.30
CA GLU C 99 16.70 -6.89 -25.27
C GLU C 99 17.31 -8.02 -24.43
N MET C 100 16.47 -8.94 -23.94
CA MET C 100 16.98 -10.00 -23.08
C MET C 100 17.90 -10.97 -23.83
N LEU C 101 17.50 -11.36 -25.04
CA LEU C 101 18.35 -12.16 -25.92
C LEU C 101 19.72 -11.52 -26.14
N GLY C 102 19.74 -10.21 -26.34
CA GLY C 102 20.99 -9.45 -26.46
C GLY C 102 21.94 -9.65 -25.30
N HIS C 103 21.41 -9.66 -24.08
CA HIS C 103 22.22 -9.97 -22.89
C HIS C 103 22.72 -11.42 -22.88
N PHE C 104 21.89 -12.37 -23.28
CA PHE C 104 22.33 -13.77 -23.35
C PHE C 104 23.54 -13.93 -24.28
N SER C 105 23.55 -13.18 -25.39
CA SER C 105 24.65 -13.23 -26.37
C SER C 105 25.89 -12.55 -25.82
N ASP C 106 25.68 -11.35 -25.28
CA ASP C 106 26.77 -10.59 -24.72
C ASP C 106 27.55 -11.42 -23.71
N ALA C 107 26.82 -12.07 -22.81
CA ALA C 107 27.41 -12.91 -21.77
C ALA C 107 28.20 -14.09 -22.36
N ASN C 108 27.64 -14.69 -23.40
CA ASN C 108 28.26 -15.81 -24.10
C ASN C 108 29.60 -15.42 -24.75
N GLN C 109 29.64 -14.26 -25.38
CA GLN C 109 30.88 -13.74 -25.98
C GLN C 109 31.91 -13.33 -24.96
N LYS C 110 31.50 -12.46 -24.04
CA LYS C 110 32.42 -11.94 -23.06
C LYS C 110 32.98 -13.05 -22.19
N CYS C 111 32.14 -13.99 -21.79
CA CYS C 111 32.51 -15.00 -20.80
C CYS C 111 31.92 -16.36 -21.14
N PRO C 112 32.47 -17.03 -22.18
CA PRO C 112 31.86 -18.28 -22.68
C PRO C 112 31.81 -19.45 -21.69
N ASP C 113 32.62 -19.40 -20.63
CA ASP C 113 32.61 -20.45 -19.63
C ASP C 113 31.84 -20.11 -18.35
N ALA C 114 31.34 -18.88 -18.25
CA ALA C 114 30.54 -18.49 -17.08
C ALA C 114 29.21 -19.22 -17.11
N VAL C 115 28.72 -19.62 -15.93
CA VAL C 115 27.39 -20.25 -15.82
C VAL C 115 26.31 -19.14 -15.88
N LEU C 116 25.32 -19.33 -16.75
CA LEU C 116 24.20 -18.39 -16.89
C LEU C 116 22.99 -18.84 -16.05
N ILE C 117 22.36 -17.87 -15.38
CA ILE C 117 21.07 -18.09 -14.73
C ILE C 117 20.12 -16.93 -15.04
N ALA C 118 18.81 -17.21 -14.96
CA ALA C 118 17.80 -16.23 -15.35
C ALA C 118 16.61 -16.18 -14.42
N GLY C 119 15.88 -15.08 -14.50
CA GLY C 119 14.67 -14.95 -13.71
C GLY C 119 13.78 -13.82 -14.17
N GLY C 120 12.54 -13.87 -13.72
CA GLY C 120 11.61 -12.78 -13.96
C GLY C 120 10.37 -12.85 -13.08
N TYR C 121 9.71 -11.70 -12.99
CA TYR C 121 8.48 -11.54 -12.20
C TYR C 121 7.37 -11.01 -13.09
N SER C 122 6.21 -11.66 -13.05
CA SER C 122 5.02 -11.17 -13.74
C SER C 122 5.23 -11.11 -15.28
N GLN C 123 5.09 -9.94 -15.90
CA GLN C 123 5.49 -9.78 -17.32
C GLN C 123 6.96 -10.15 -17.54
N GLY C 124 7.80 -9.84 -16.56
CA GLY C 124 9.20 -10.27 -16.58
C GLY C 124 9.38 -11.79 -16.66
N ALA C 125 8.46 -12.54 -16.06
CA ALA C 125 8.45 -14.00 -16.16
C ALA C 125 8.10 -14.50 -17.56
N ALA C 126 7.07 -13.90 -18.17
CA ALA C 126 6.76 -14.18 -19.60
C ALA C 126 7.94 -13.83 -20.49
N LEU C 127 8.61 -12.73 -20.18
CA LEU C 127 9.79 -12.29 -20.93
C LEU C 127 10.96 -13.26 -20.75
N ALA C 128 11.21 -13.69 -19.52
CA ALA C 128 12.32 -14.63 -19.26
C ALA C 128 12.07 -15.94 -19.99
N ALA C 129 10.85 -16.44 -19.91
CA ALA C 129 10.49 -17.68 -20.59
C ALA C 129 10.68 -17.60 -22.11
N ALA C 130 10.08 -16.60 -22.76
CA ALA C 130 10.17 -16.42 -24.22
C ALA C 130 11.63 -16.35 -24.67
N SER C 131 12.42 -15.56 -23.96
CA SER C 131 13.82 -15.33 -24.29
C SER C 131 14.67 -16.58 -24.11
N VAL C 132 14.35 -17.39 -23.09
CA VAL C 132 15.04 -18.67 -22.87
C VAL C 132 14.61 -19.65 -23.95
N THR C 133 13.32 -19.71 -24.24
CA THR C 133 12.83 -20.51 -25.37
C THR C 133 13.58 -20.15 -26.67
N ASP C 134 13.74 -18.87 -26.94
CA ASP C 134 14.22 -18.38 -28.25
C ASP C 134 15.71 -18.41 -28.44
N VAL C 135 16.45 -18.44 -27.34
CA VAL C 135 17.91 -18.33 -27.40
C VAL C 135 18.49 -19.58 -28.08
N ASP C 136 19.63 -19.39 -28.76
CA ASP C 136 20.42 -20.49 -29.32
C ASP C 136 20.60 -21.64 -28.34
N ALA C 137 20.28 -22.87 -28.76
CA ALA C 137 20.39 -24.05 -27.88
C ALA C 137 21.78 -24.20 -27.25
N GLY C 138 22.82 -23.72 -27.94
CA GLY C 138 24.18 -23.70 -27.41
C GLY C 138 24.34 -22.79 -26.20
N ILE C 139 23.69 -21.64 -26.24
CA ILE C 139 23.66 -20.72 -25.09
C ILE C 139 22.71 -21.30 -24.05
N ARG C 140 21.52 -21.72 -24.48
CA ARG C 140 20.51 -22.26 -23.57
C ARG C 140 21.05 -23.38 -22.71
N GLU C 141 21.93 -24.20 -23.30
CA GLU C 141 22.58 -25.27 -22.56
C GLU C 141 23.34 -24.73 -21.32
N LYS C 142 23.93 -23.55 -21.46
CA LYS C 142 24.70 -22.91 -20.39
C LYS C 142 23.83 -22.18 -19.34
N ILE C 143 22.51 -22.14 -19.56
CA ILE C 143 21.61 -21.61 -18.57
C ILE C 143 21.23 -22.73 -17.61
N ALA C 144 21.89 -22.74 -16.45
CA ALA C 144 21.74 -23.83 -15.48
C ALA C 144 20.37 -23.83 -14.81
N GLY C 145 19.76 -22.65 -14.72
CA GLY C 145 18.51 -22.50 -13.97
C GLY C 145 17.76 -21.20 -14.26
N ALA C 146 16.44 -21.26 -14.08
CA ALA C 146 15.56 -20.12 -14.22
C ALA C 146 14.51 -20.15 -13.13
N VAL C 147 14.25 -19.00 -12.53
CA VAL C 147 13.15 -18.83 -11.60
C VAL C 147 12.12 -17.85 -12.17
N LEU C 148 10.84 -18.17 -11.98
CA LEU C 148 9.74 -17.35 -12.50
C LEU C 148 8.75 -17.08 -11.37
N PHE C 149 8.63 -15.82 -10.97
CA PHE C 149 7.65 -15.44 -9.93
C PHE C 149 6.40 -14.89 -10.61
N GLY C 150 5.22 -15.31 -10.16
CA GLY C 150 3.96 -14.81 -10.71
C GLY C 150 3.98 -14.98 -12.22
N TYR C 151 4.26 -16.21 -12.65
CA TYR C 151 4.42 -16.55 -14.05
C TYR C 151 3.07 -16.44 -14.79
N THR C 152 2.94 -15.42 -15.63
CA THR C 152 1.70 -15.09 -16.34
C THR C 152 1.34 -16.13 -17.43
N LYS C 153 2.32 -16.91 -17.87
CA LYS C 153 2.03 -18.00 -18.82
C LYS C 153 2.17 -19.38 -18.19
N ASN C 154 1.96 -19.47 -16.88
CA ASN C 154 2.03 -20.73 -16.17
C ASN C 154 1.04 -21.77 -16.72
N LEU C 155 -0.25 -21.44 -16.73
CA LEU C 155 -1.27 -22.35 -17.32
C LEU C 155 -0.99 -22.63 -18.80
N GLN C 156 -0.72 -21.57 -19.56
CA GLN C 156 -0.54 -21.68 -21.01
C GLN C 156 0.65 -22.56 -21.39
N ASN C 157 1.75 -22.41 -20.65
CA ASN C 157 2.96 -23.21 -20.87
C ASN C 157 3.08 -24.42 -19.92
N ARG C 158 1.98 -24.79 -19.27
CA ARG C 158 1.93 -26.00 -18.45
C ARG C 158 3.00 -26.09 -17.35
N GLY C 159 3.35 -24.94 -16.76
CA GLY C 159 4.29 -24.88 -15.66
C GLY C 159 5.75 -24.92 -16.09
N LYS C 160 6.01 -24.74 -17.38
CA LYS C 160 7.35 -24.93 -17.95
C LYS C 160 7.75 -23.76 -18.85
N ILE C 161 9.01 -23.79 -19.27
CA ILE C 161 9.53 -22.92 -20.32
C ILE C 161 9.67 -23.79 -21.57
N PRO C 162 8.91 -23.47 -22.64
CA PRO C 162 9.04 -24.23 -23.89
C PRO C 162 10.49 -24.41 -24.33
N SER C 163 10.85 -25.66 -24.63
CA SER C 163 12.17 -26.04 -25.10
C SER C 163 13.26 -25.84 -24.04
N TYR C 164 12.88 -26.02 -22.77
CA TYR C 164 13.82 -25.88 -21.65
C TYR C 164 13.44 -26.90 -20.61
N PRO C 165 14.43 -27.63 -20.06
CA PRO C 165 14.08 -28.72 -19.16
C PRO C 165 13.35 -28.26 -17.90
N GLU C 166 12.34 -29.02 -17.49
CA GLU C 166 11.57 -28.71 -16.31
C GLU C 166 12.39 -28.83 -15.03
N ASP C 167 13.44 -29.67 -15.06
CA ASP C 167 14.33 -29.83 -13.90
C ASP C 167 15.25 -28.61 -13.67
N ARG C 168 15.43 -27.79 -14.68
CA ARG C 168 16.12 -26.50 -14.50
C ARG C 168 15.19 -25.33 -14.19
N THR C 169 13.88 -25.58 -14.14
CA THR C 169 12.90 -24.51 -14.02
C THR C 169 12.23 -24.54 -12.65
N LYS C 170 12.16 -23.39 -11.98
CA LYS C 170 11.42 -23.27 -10.73
C LYS C 170 10.39 -22.14 -10.83
N VAL C 171 9.11 -22.51 -10.85
CA VAL C 171 8.03 -21.53 -10.88
C VAL C 171 7.57 -21.27 -9.47
N PHE C 172 7.48 -19.99 -9.09
CA PHE C 172 6.82 -19.58 -7.86
C PHE C 172 5.48 -18.94 -8.18
N CYS C 173 4.41 -19.71 -7.99
CA CYS C 173 3.03 -19.29 -8.25
C CYS C 173 2.18 -19.52 -7.02
N ASN C 174 1.98 -18.46 -6.23
CA ASN C 174 1.19 -18.55 -5.00
C ASN C 174 -0.24 -18.96 -5.29
N THR C 175 -0.86 -19.64 -4.32
CA THR C 175 -2.26 -20.05 -4.45
C THR C 175 -3.13 -18.80 -4.43
N GLY C 176 -4.07 -18.72 -5.38
CA GLY C 176 -4.88 -17.52 -5.57
C GLY C 176 -4.22 -16.46 -6.45
N ASP C 177 -3.04 -16.73 -7.00
CA ASP C 177 -2.45 -15.78 -7.94
C ASP C 177 -3.04 -16.08 -9.30
N LEU C 178 -4.00 -15.26 -9.70
CA LEU C 178 -4.82 -15.56 -10.85
C LEU C 178 -4.05 -15.50 -12.16
N VAL C 179 -2.88 -14.84 -12.22
CA VAL C 179 -2.10 -14.84 -13.47
C VAL C 179 -1.50 -16.21 -13.75
N CYS C 180 -1.42 -17.05 -12.72
CA CYS C 180 -0.88 -18.39 -12.82
C CYS C 180 -1.93 -19.41 -13.28
N THR C 181 -3.20 -19.00 -13.33
CA THR C 181 -4.28 -19.88 -13.80
C THR C 181 -5.02 -19.33 -15.04
N GLY C 182 -4.28 -18.68 -15.92
CA GLY C 182 -4.83 -18.24 -17.22
C GLY C 182 -5.54 -16.89 -17.28
N SER C 183 -5.51 -16.14 -16.18
N SER C 183 -5.54 -16.15 -16.18
CA SER C 183 -6.16 -14.84 -16.12
CA SER C 183 -6.17 -14.82 -16.12
C SER C 183 -5.11 -13.72 -16.14
C SER C 183 -5.12 -13.72 -16.14
N LEU C 184 -5.58 -12.47 -16.17
CA LEU C 184 -4.69 -11.31 -16.02
C LEU C 184 -5.11 -10.43 -14.82
N ILE C 185 -6.03 -10.93 -14.01
CA ILE C 185 -6.50 -10.18 -12.85
C ILE C 185 -5.41 -10.23 -11.78
N VAL C 186 -5.11 -9.08 -11.16
CA VAL C 186 -4.14 -9.04 -10.08
C VAL C 186 -4.84 -9.15 -8.73
N ALA C 187 -4.54 -10.23 -8.01
CA ALA C 187 -5.03 -10.44 -6.66
C ALA C 187 -3.83 -10.39 -5.69
N ALA C 188 -4.11 -10.30 -4.40
CA ALA C 188 -3.06 -10.13 -3.39
C ALA C 188 -1.92 -11.15 -3.43
N PRO C 189 -2.22 -12.44 -3.69
CA PRO C 189 -1.11 -13.41 -3.80
C PRO C 189 -0.06 -13.09 -4.88
N HIS C 190 -0.44 -12.36 -5.92
CA HIS C 190 0.51 -11.90 -6.94
C HIS C 190 1.57 -10.96 -6.38
N LEU C 191 1.29 -10.35 -5.23
CA LEU C 191 2.16 -9.31 -4.67
C LEU C 191 2.95 -9.76 -3.43
N ALA C 192 3.09 -11.07 -3.24
CA ALA C 192 3.81 -11.61 -2.06
C ALA C 192 4.90 -12.63 -2.45
N TYR C 193 5.86 -12.23 -3.28
CA TYR C 193 6.96 -13.09 -3.69
C TYR C 193 8.28 -12.68 -3.04
N GLN C 194 8.26 -11.69 -2.14
CA GLN C 194 9.49 -11.19 -1.54
C GLN C 194 10.23 -12.27 -0.78
N SER C 195 9.46 -13.11 -0.08
CA SER C 195 9.99 -14.20 0.70
C SER C 195 10.73 -15.21 -0.17
N ALA C 196 10.10 -15.65 -1.27
CA ALA C 196 10.75 -16.54 -2.24
C ALA C 196 11.99 -15.93 -2.89
N ALA C 197 11.90 -14.65 -3.22
CA ALA C 197 13.03 -13.94 -3.82
C ALA C 197 14.27 -13.88 -2.92
N SER C 198 14.05 -13.97 -1.62
CA SER C 198 15.15 -13.98 -0.63
C SER C 198 15.54 -15.37 -0.15
N GLY C 199 14.66 -16.36 -0.34
CA GLY C 199 14.94 -17.73 0.10
C GLY C 199 15.02 -18.74 -1.01
N ALA C 200 13.91 -19.43 -1.28
CA ALA C 200 13.90 -20.60 -2.17
C ALA C 200 14.39 -20.31 -3.59
N ALA C 201 14.15 -19.12 -4.11
CA ALA C 201 14.53 -18.83 -5.48
C ALA C 201 16.05 -18.79 -5.64
N PRO C 202 16.74 -17.96 -4.81
CA PRO C 202 18.20 -17.97 -4.93
C PRO C 202 18.83 -19.31 -4.53
N GLU C 203 18.18 -20.03 -3.61
CA GLU C 203 18.62 -21.36 -3.19
C GLU C 203 18.65 -22.30 -4.40
N PHE C 204 17.55 -22.32 -5.13
CA PHE C 204 17.43 -23.16 -6.33
C PHE C 204 18.48 -22.81 -7.39
N LEU C 205 18.66 -21.51 -7.67
CA LEU C 205 19.62 -21.09 -8.69
C LEU C 205 21.06 -21.43 -8.30
N ILE C 206 21.34 -21.40 -7.01
CA ILE C 206 22.67 -21.72 -6.47
C ILE C 206 22.92 -23.23 -6.59
N GLN C 207 21.98 -24.04 -6.13
CA GLN C 207 22.05 -25.49 -6.32
C GLN C 207 22.29 -25.85 -7.80
N LYS C 208 21.61 -25.18 -8.72
CA LYS C 208 21.77 -25.47 -10.15
C LYS C 208 23.09 -24.98 -10.69
N ALA C 209 23.42 -23.71 -10.46
CA ALA C 209 24.68 -23.16 -10.96
C ALA C 209 25.87 -23.97 -10.41
N ASP C 210 25.87 -24.24 -9.11
CA ASP C 210 26.90 -25.10 -8.50
C ASP C 210 27.05 -26.43 -9.25
N ALA C 211 25.96 -27.18 -9.35
CA ALA C 211 25.93 -28.42 -10.12
C ALA C 211 26.44 -28.28 -11.56
N ALA C 212 26.31 -27.09 -12.13
CA ALA C 212 26.80 -26.84 -13.49
C ALA C 212 28.26 -26.34 -13.49
N GLY C 213 28.92 -26.43 -12.34
CA GLY C 213 30.34 -26.12 -12.28
C GLY C 213 30.70 -24.87 -11.51
N ALA C 214 29.71 -24.16 -10.98
CA ALA C 214 30.00 -22.96 -10.19
C ALA C 214 30.71 -23.36 -8.91
C1 MPD D . -22.77 21.22 7.82
C2 MPD D . -23.90 21.60 8.77
O2 MPD D . -24.59 20.39 9.14
CM MPD D . -24.89 22.51 8.07
C3 MPD D . -23.38 22.21 10.09
C4 MPD D . -22.75 23.59 9.97
O4 MPD D . -22.28 24.13 11.24
C5 MPD D . -21.57 23.60 9.03
C1 MPD E . -10.47 -2.43 -0.17
C2 MPD E . -9.55 -1.47 0.55
O2 MPD E . -8.23 -1.98 0.41
CM MPD E . -9.89 -1.47 2.03
C3 MPD E . -9.62 -0.03 0.01
C4 MPD E . -9.47 0.13 -1.50
O4 MPD E . -10.50 -0.55 -2.25
C5 MPD E . -9.52 1.61 -1.89
C1 MPD F . -8.37 6.66 0.43
C2 MPD F . -6.86 6.62 0.65
O2 MPD F . -6.45 7.92 1.12
CM MPD F . -6.20 6.39 -0.68
C3 MPD F . -6.41 5.60 1.71
C4 MPD F . -6.54 4.12 1.35
O4 MPD F . -5.94 3.34 2.41
C5 MPD F . -7.97 3.63 1.17
C1 MPD G . 0.49 0.20 4.94
C2 MPD G . 0.17 1.64 5.29
O2 MPD G . 0.37 1.79 6.70
CM MPD G . -1.30 1.93 5.04
C3 MPD G . 1.08 2.63 4.55
C4 MPD G . 0.88 2.76 3.05
O4 MPD G . -0.35 3.44 2.76
C5 MPD G . 2.01 3.55 2.39
C1 MPD H . -4.89 0.07 8.97
C2 MPD H . -5.13 1.54 9.31
O2 MPD H . -3.92 2.07 9.88
CM MPD H . -6.28 1.66 10.33
C3 MPD H . -5.52 2.33 8.06
C4 MPD H . -4.42 2.47 7.02
O4 MPD H . -3.12 2.15 7.54
C5 MPD H . -4.68 1.58 5.81
C1 MPD I . 8.67 -13.97 7.43
C2 MPD I . 9.19 -14.83 8.57
O2 MPD I . 8.83 -14.14 9.76
CM MPD I . 10.71 -14.91 8.46
C3 MPD I . 8.53 -16.22 8.53
C4 MPD I . 8.72 -17.08 9.78
O4 MPD I . 7.77 -16.74 10.80
C5 MPD I . 8.56 -18.57 9.45
#